data_5DUW
#
_entry.id   5DUW
#
_cell.length_a   63.180
_cell.length_b   64.050
_cell.length_c   64.650
_cell.angle_alpha   90.00
_cell.angle_beta   91.03
_cell.angle_gamma   90.00
#
_symmetry.space_group_name_H-M   'P 1 21 1'
#
loop_
_entity.id
_entity.type
_entity.pdbx_description
1 polymer Galectin-4
2 branched 3-O-sulfo-beta-D-galactopyranose-(1-4)-beta-D-glucopyranose
3 water water
#
_entity_poly.entity_id   1
_entity_poly.type   'polypeptide(L)'
_entity_poly.pdbx_seq_one_letter_code
;MAYVPAPGYQPTYNPTLPYYQPIPGGLNVGMSVYIQGVASEHMKRFFVNFVVGQDPGSDVAFHFNPRFDGWDKVVFNTLQ
GGKWGSEERKRSMPFKKGAAFELVFIVLAEHYKVVVNGNPFYEYGHRLPLQMVTHLQVDGDLQLQSINFIGGQPL
;
_entity_poly.pdbx_strand_id   A,B,C,D
#
loop_
_chem_comp.id
_chem_comp.type
_chem_comp.name
_chem_comp.formula
BGC D-saccharide, beta linking beta-D-glucopyranose 'C6 H12 O6'
SGA D-saccharide, beta linking 3-O-sulfo-beta-D-galactopyranose 'C6 H12 O9 S'
#
# COMPACT_ATOMS: atom_id res chain seq x y z
N PRO A 15 32.84 -12.65 4.01
CA PRO A 15 32.19 -11.85 2.98
C PRO A 15 31.64 -10.53 3.52
N THR A 16 31.65 -9.50 2.69
CA THR A 16 31.19 -8.18 3.09
C THR A 16 29.86 -7.85 2.42
N LEU A 17 29.15 -6.89 3.00
CA LEU A 17 27.87 -6.44 2.47
C LEU A 17 28.00 -5.06 1.81
N PRO A 18 27.20 -4.78 0.79
CA PRO A 18 26.25 -5.76 0.22
C PRO A 18 26.97 -6.85 -0.54
N TYR A 19 26.37 -8.04 -0.55
CA TYR A 19 26.92 -9.21 -1.21
C TYR A 19 26.10 -9.43 -2.47
N TYR A 20 26.76 -9.59 -3.60
CA TYR A 20 26.05 -9.83 -4.85
C TYR A 20 27.01 -10.60 -5.73
N GLN A 21 26.88 -11.91 -5.70
CA GLN A 21 27.89 -12.80 -6.30
C GLN A 21 27.26 -13.92 -7.11
N PRO A 22 27.98 -14.37 -8.13
CA PRO A 22 27.44 -15.46 -8.92
C PRO A 22 27.35 -16.75 -8.13
N ILE A 23 26.29 -17.50 -8.39
CA ILE A 23 26.15 -18.84 -7.85
C ILE A 23 26.90 -19.77 -8.80
N PRO A 24 27.98 -20.40 -8.32
CA PRO A 24 28.79 -21.23 -9.20
C PRO A 24 27.94 -22.34 -9.82
N GLY A 25 27.84 -22.33 -11.15
CA GLY A 25 27.07 -23.33 -11.87
C GLY A 25 25.57 -23.06 -11.90
N GLY A 26 25.13 -21.96 -11.31
CA GLY A 26 23.71 -21.70 -11.22
C GLY A 26 23.03 -22.63 -10.24
N LEU A 27 21.72 -22.46 -10.08
CA LEU A 27 20.95 -23.35 -9.24
C LEU A 27 20.67 -24.66 -9.93
N ASN A 28 20.62 -25.72 -9.15
CA ASN A 28 20.04 -26.96 -9.61
C ASN A 28 19.27 -27.58 -8.48
N VAL A 29 18.29 -28.40 -8.83
CA VAL A 29 17.59 -29.17 -7.85
C VAL A 29 18.63 -29.98 -7.07
N GLY A 30 18.50 -29.98 -5.76
CA GLY A 30 19.45 -30.71 -4.92
C GLY A 30 20.54 -29.81 -4.33
N MET A 31 20.68 -28.59 -4.85
CA MET A 31 21.66 -27.65 -4.32
C MET A 31 21.12 -27.06 -3.02
N SER A 32 22.00 -26.72 -2.08
CA SER A 32 21.63 -25.93 -0.91
C SER A 32 22.50 -24.70 -0.86
N VAL A 33 21.92 -23.60 -0.41
CA VAL A 33 22.67 -22.40 -0.11
C VAL A 33 22.65 -22.24 1.40
N TYR A 34 23.84 -22.14 2.00
CA TYR A 34 23.97 -22.16 3.46
C TYR A 34 24.64 -20.85 3.88
N ILE A 35 23.89 -20.04 4.62
CA ILE A 35 24.35 -18.72 5.04
C ILE A 35 24.47 -18.69 6.55
N GLN A 36 25.66 -18.31 7.03
CA GLN A 36 25.88 -18.12 8.45
C GLN A 36 26.15 -16.64 8.67
N GLY A 37 25.39 -16.05 9.57
CA GLY A 37 25.51 -14.63 9.82
C GLY A 37 25.06 -14.31 11.21
N VAL A 38 25.08 -13.02 11.54
CA VAL A 38 24.60 -12.53 12.79
C VAL A 38 23.65 -11.39 12.52
N ALA A 39 22.42 -11.51 13.00
CA ALA A 39 21.44 -10.43 12.88
C ALA A 39 21.90 -9.23 13.70
N SER A 40 21.79 -8.03 13.15
CA SER A 40 22.23 -6.84 13.88
C SER A 40 21.43 -6.69 15.18
N GLU A 41 22.08 -6.18 16.22
CA GLU A 41 21.36 -5.84 17.44
C GLU A 41 20.31 -4.79 17.16
N HIS A 42 20.51 -4.02 16.08
CA HIS A 42 19.58 -2.97 15.69
C HIS A 42 18.80 -3.32 14.42
N MET A 43 18.67 -4.62 14.13
CA MET A 43 18.03 -5.05 12.89
C MET A 43 16.61 -4.53 12.67
N LYS A 44 16.38 -3.95 11.49
CA LYS A 44 15.02 -3.71 11.00
C LYS A 44 14.61 -4.76 9.96
N ARG A 45 15.46 -4.96 8.96
N ARG A 45 15.48 -5.00 8.99
CA ARG A 45 15.20 -5.97 7.91
CA ARG A 45 15.22 -6.04 7.99
C ARG A 45 16.52 -6.46 7.33
C ARG A 45 16.52 -6.48 7.35
N PHE A 46 16.47 -7.64 6.71
CA PHE A 46 17.48 -7.97 5.73
C PHE A 46 16.81 -8.81 4.66
N PHE A 47 17.49 -8.99 3.55
CA PHE A 47 16.96 -9.86 2.52
C PHE A 47 18.04 -10.73 1.89
N VAL A 48 17.57 -11.85 1.36
CA VAL A 48 18.35 -12.72 0.48
C VAL A 48 17.56 -12.83 -0.80
N ASN A 49 18.20 -12.46 -1.89
CA ASN A 49 17.59 -12.55 -3.23
C ASN A 49 18.32 -13.55 -4.13
N PHE A 50 17.54 -14.36 -4.82
CA PHE A 50 18.01 -15.22 -5.91
C PHE A 50 17.70 -14.48 -7.20
N VAL A 51 18.74 -13.98 -7.84
CA VAL A 51 18.61 -12.96 -8.87
C VAL A 51 18.95 -13.50 -10.26
N VAL A 52 18.15 -13.06 -11.24
CA VAL A 52 18.36 -13.40 -12.64
C VAL A 52 19.21 -12.31 -13.30
N GLY A 53 20.51 -12.50 -13.24
CA GLY A 53 21.46 -11.58 -13.85
C GLY A 53 22.02 -10.53 -12.91
N GLN A 54 22.82 -9.63 -13.47
CA GLN A 54 23.47 -8.61 -12.69
C GLN A 54 23.32 -7.23 -13.34
N ASP A 55 22.49 -7.12 -14.37
CA ASP A 55 22.26 -5.83 -14.99
C ASP A 55 21.20 -5.08 -14.20
N PRO A 56 21.21 -3.75 -14.30
CA PRO A 56 20.18 -2.99 -13.60
C PRO A 56 18.78 -3.46 -13.98
N GLY A 57 17.92 -3.63 -12.98
CA GLY A 57 16.56 -4.04 -13.23
C GLY A 57 16.34 -5.54 -13.32
N SER A 58 17.35 -6.31 -12.93
CA SER A 58 17.24 -7.76 -12.91
C SER A 58 16.05 -8.29 -12.12
N ASP A 59 15.40 -9.32 -12.64
CA ASP A 59 14.35 -10.03 -11.91
C ASP A 59 14.90 -10.74 -10.68
N VAL A 60 14.07 -10.86 -9.66
CA VAL A 60 14.41 -11.63 -8.48
C VAL A 60 13.47 -12.82 -8.41
N ALA A 61 14.01 -14.01 -8.66
CA ALA A 61 13.21 -15.23 -8.63
C ALA A 61 12.62 -15.45 -7.25
N PHE A 62 13.40 -15.14 -6.21
CA PHE A 62 12.98 -15.40 -4.84
C PHE A 62 13.67 -14.39 -3.92
N HIS A 63 12.82 -13.61 -3.27
CA HIS A 63 13.17 -12.61 -2.27
C HIS A 63 12.68 -13.14 -0.92
N PHE A 64 13.63 -13.32 -0.01
CA PHE A 64 13.40 -13.80 1.36
C PHE A 64 13.73 -12.64 2.29
N ASN A 65 12.73 -12.16 3.04
CA ASN A 65 12.83 -10.85 3.68
C ASN A 65 12.26 -10.84 5.11
N PRO A 66 13.11 -11.18 6.10
CA PRO A 66 12.70 -11.01 7.50
C PRO A 66 12.56 -9.54 7.88
N ARG A 67 11.47 -9.22 8.58
CA ARG A 67 11.15 -7.86 9.00
C ARG A 67 10.78 -7.76 10.50
N PHE A 68 11.40 -6.82 11.20
CA PHE A 68 11.07 -6.55 12.59
C PHE A 68 10.16 -5.32 12.74
N ASP A 69 9.93 -4.59 11.65
CA ASP A 69 9.04 -3.44 11.71
CA ASP A 69 9.05 -3.43 11.72
C ASP A 69 7.60 -3.93 11.75
N GLY A 70 6.93 -3.70 12.87
CA GLY A 70 5.56 -4.20 13.03
C GLY A 70 5.57 -5.58 13.67
N TRP A 71 4.56 -6.36 13.32
CA TRP A 71 4.44 -7.74 13.77
C TRP A 71 5.53 -8.55 13.06
N ASP A 72 6.49 -9.05 13.83
CA ASP A 72 7.69 -9.67 13.25
C ASP A 72 7.31 -10.79 12.30
N LYS A 73 7.89 -10.78 11.10
CA LYS A 73 7.45 -11.71 10.07
C LYS A 73 8.51 -11.88 9.02
N VAL A 74 8.29 -12.83 8.13
CA VAL A 74 9.11 -12.99 6.94
C VAL A 74 8.23 -12.88 5.71
N VAL A 75 8.66 -12.05 4.78
CA VAL A 75 7.97 -11.88 3.52
C VAL A 75 8.73 -12.61 2.43
N PHE A 76 7.99 -13.24 1.53
CA PHE A 76 8.52 -14.01 0.42
C PHE A 76 7.85 -13.50 -0.85
N ASN A 77 8.64 -13.22 -1.89
CA ASN A 77 8.05 -12.73 -3.13
C ASN A 77 9.01 -12.91 -4.31
N THR A 78 8.51 -12.50 -5.46
CA THR A 78 9.25 -12.53 -6.71
C THR A 78 9.09 -11.14 -7.38
N LEU A 79 10.18 -10.63 -7.94
CA LEU A 79 10.18 -9.39 -8.72
C LEU A 79 10.40 -9.79 -10.17
N GLN A 80 9.40 -9.55 -11.00
CA GLN A 80 9.48 -9.91 -12.39
C GLN A 80 9.03 -8.75 -13.24
N GLY A 81 9.86 -8.36 -14.19
CA GLY A 81 9.49 -7.28 -15.10
C GLY A 81 9.19 -6.00 -14.33
N GLY A 82 9.97 -5.76 -13.29
CA GLY A 82 9.84 -4.57 -12.47
C GLY A 82 8.67 -4.57 -11.51
N LYS A 83 7.92 -5.65 -11.45
CA LYS A 83 6.75 -5.72 -10.59
C LYS A 83 6.90 -6.77 -9.50
N TRP A 84 6.69 -6.37 -8.25
CA TRP A 84 6.57 -7.34 -7.16
C TRP A 84 5.26 -8.09 -7.29
N GLY A 85 5.29 -9.40 -7.04
CA GLY A 85 4.12 -10.23 -7.13
C GLY A 85 3.29 -10.18 -5.85
N SER A 86 2.38 -11.14 -5.71
CA SER A 86 1.63 -11.30 -4.49
C SER A 86 2.49 -11.89 -3.40
N GLU A 87 2.64 -11.17 -2.31
CA GLU A 87 3.52 -11.64 -1.22
C GLU A 87 2.96 -12.85 -0.56
N GLU A 88 3.86 -13.77 -0.19
CA GLU A 88 3.55 -14.77 0.79
C GLU A 88 4.19 -14.27 2.08
N ARG A 89 3.60 -14.61 3.22
CA ARG A 89 4.07 -14.12 4.49
C ARG A 89 3.95 -15.21 5.53
N LYS A 90 4.94 -15.27 6.41
CA LYS A 90 4.85 -16.09 7.62
C LYS A 90 5.10 -15.23 8.84
N ARG A 91 4.12 -15.21 9.74
CA ARG A 91 4.15 -14.32 10.89
C ARG A 91 4.89 -14.96 12.04
N SER A 92 6.10 -15.40 11.76
CA SER A 92 6.96 -15.96 12.75
C SER A 92 8.35 -15.48 12.42
N MET A 93 9.13 -15.18 13.44
CA MET A 93 10.45 -14.64 13.24
C MET A 93 11.47 -15.58 13.83
N PRO A 94 12.24 -16.26 12.97
CA PRO A 94 13.18 -17.25 13.43
C PRO A 94 14.54 -16.64 13.76
N PHE A 95 14.76 -15.38 13.43
CA PHE A 95 15.97 -14.67 13.78
C PHE A 95 15.75 -13.88 15.07
N LYS A 96 16.86 -13.44 15.65
CA LYS A 96 16.82 -12.68 16.87
C LYS A 96 17.89 -11.60 16.78
N LYS A 97 17.54 -10.38 17.17
CA LYS A 97 18.49 -9.29 17.11
C LYS A 97 19.74 -9.65 17.91
N GLY A 98 20.90 -9.50 17.27
CA GLY A 98 22.19 -9.76 17.89
C GLY A 98 22.65 -11.20 17.86
N ALA A 99 21.80 -12.09 17.35
CA ALA A 99 22.08 -13.53 17.39
C ALA A 99 22.59 -14.10 16.06
N ALA A 100 23.57 -15.00 16.17
CA ALA A 100 24.04 -15.78 15.03
C ALA A 100 22.92 -16.70 14.55
N PHE A 101 22.88 -16.93 13.24
CA PHE A 101 21.91 -17.85 12.65
C PHE A 101 22.55 -18.71 11.60
N GLU A 102 21.88 -19.82 11.31
CA GLU A 102 22.22 -20.69 10.21
C GLU A 102 20.96 -20.74 9.31
N LEU A 103 21.12 -20.25 8.09
CA LEU A 103 19.99 -20.10 7.16
C LEU A 103 20.30 -20.93 5.94
N VAL A 104 19.43 -21.89 5.66
CA VAL A 104 19.63 -22.82 4.56
C VAL A 104 18.45 -22.76 3.60
N PHE A 105 18.78 -22.69 2.31
CA PHE A 105 17.81 -22.82 1.24
C PHE A 105 18.09 -24.11 0.50
N ILE A 106 17.17 -25.06 0.57
CA ILE A 106 17.33 -26.29 -0.18
C ILE A 106 16.49 -26.14 -1.45
N VAL A 107 17.16 -26.21 -2.60
CA VAL A 107 16.48 -26.02 -3.88
C VAL A 107 15.90 -27.34 -4.38
N LEU A 108 14.57 -27.41 -4.41
CA LEU A 108 13.88 -28.60 -4.84
C LEU A 108 13.07 -28.29 -6.10
N ALA A 109 12.53 -29.34 -6.71
CA ALA A 109 11.81 -29.19 -7.98
C ALA A 109 10.64 -28.25 -7.86
N GLU A 110 9.91 -28.32 -6.76
CA GLU A 110 8.67 -27.59 -6.63
C GLU A 110 8.87 -26.24 -5.96
N HIS A 111 9.90 -26.12 -5.14
CA HIS A 111 10.03 -24.97 -4.29
C HIS A 111 11.41 -24.83 -3.71
N TYR A 112 11.68 -23.65 -3.18
CA TYR A 112 12.78 -23.46 -2.24
C TYR A 112 12.31 -23.83 -0.84
N LYS A 113 13.03 -24.74 -0.19
CA LYS A 113 12.77 -25.07 1.20
C LYS A 113 13.70 -24.27 2.10
N VAL A 114 13.13 -23.43 2.94
CA VAL A 114 13.89 -22.61 3.87
C VAL A 114 13.95 -23.28 5.24
N VAL A 115 15.15 -23.43 5.78
CA VAL A 115 15.40 -24.02 7.08
C VAL A 115 16.24 -23.03 7.88
N VAL A 116 15.77 -22.69 9.07
CA VAL A 116 16.48 -21.72 9.89
C VAL A 116 16.83 -22.34 11.23
N ASN A 117 18.12 -22.34 11.54
CA ASN A 117 18.64 -22.91 12.78
C ASN A 117 18.12 -24.33 12.96
N GLY A 118 18.09 -25.07 11.85
CA GLY A 118 17.68 -26.47 11.88
C GLY A 118 16.19 -26.72 11.75
N ASN A 119 15.38 -25.69 11.86
CA ASN A 119 13.93 -25.85 11.84
C ASN A 119 13.37 -25.52 10.46
N PRO A 120 12.68 -26.46 9.81
CA PRO A 120 12.03 -26.12 8.53
C PRO A 120 11.07 -24.96 8.72
N PHE A 121 11.17 -23.97 7.85
CA PHE A 121 10.47 -22.72 8.07
C PHE A 121 9.42 -22.42 7.01
N TYR A 122 9.74 -22.66 5.73
CA TYR A 122 8.82 -22.34 4.67
C TYR A 122 9.19 -23.03 3.38
N GLU A 123 8.21 -23.23 2.51
CA GLU A 123 8.44 -23.75 1.15
C GLU A 123 7.86 -22.78 0.14
N TYR A 124 8.74 -22.09 -0.59
CA TYR A 124 8.30 -21.08 -1.56
C TYR A 124 8.29 -21.65 -2.95
N GLY A 125 7.09 -21.81 -3.51
CA GLY A 125 6.95 -22.39 -4.85
C GLY A 125 7.61 -21.55 -5.92
N HIS A 126 8.25 -22.21 -6.89
CA HIS A 126 8.91 -21.47 -7.97
C HIS A 126 7.91 -20.68 -8.81
N ARG A 127 8.25 -19.42 -9.07
CA ARG A 127 7.44 -18.56 -9.95
C ARG A 127 8.21 -18.29 -11.25
N LEU A 128 9.53 -18.03 -11.13
CA LEU A 128 10.43 -18.01 -12.28
C LEU A 128 11.21 -19.33 -12.28
N PRO A 129 11.58 -19.84 -13.46
CA PRO A 129 12.37 -21.09 -13.46
C PRO A 129 13.67 -20.95 -12.68
N LEU A 130 13.94 -21.90 -11.78
CA LEU A 130 15.11 -21.83 -10.93
C LEU A 130 16.39 -21.81 -11.75
N GLN A 131 16.35 -22.37 -12.96
CA GLN A 131 17.54 -22.42 -13.79
C GLN A 131 17.96 -21.04 -14.30
N MET A 132 17.08 -20.05 -14.23
CA MET A 132 17.44 -18.72 -14.69
C MET A 132 18.24 -17.89 -13.67
N VAL A 133 18.28 -18.36 -12.43
CA VAL A 133 19.00 -17.67 -11.38
C VAL A 133 20.49 -17.76 -11.58
N THR A 134 21.16 -16.62 -11.49
CA THR A 134 22.61 -16.58 -11.68
C THR A 134 23.38 -16.11 -10.45
N HIS A 135 22.74 -15.30 -9.62
CA HIS A 135 23.40 -14.59 -8.54
C HIS A 135 22.63 -14.69 -7.24
N LEU A 136 23.39 -14.61 -6.17
CA LEU A 136 22.83 -14.46 -4.84
C LEU A 136 23.19 -13.06 -4.34
N GLN A 137 22.16 -12.37 -3.86
CA GLN A 137 22.33 -11.03 -3.32
C GLN A 137 21.83 -11.00 -1.88
N VAL A 138 22.67 -10.49 -1.00
CA VAL A 138 22.31 -10.41 0.42
C VAL A 138 22.65 -9.01 0.91
N ASP A 139 21.71 -8.39 1.62
CA ASP A 139 21.96 -7.07 2.19
C ASP A 139 21.00 -6.79 3.33
N GLY A 140 21.35 -5.78 4.11
CA GLY A 140 20.50 -5.36 5.18
C GLY A 140 21.24 -5.33 6.50
N ASP A 141 20.48 -5.49 7.57
CA ASP A 141 20.99 -5.28 8.92
C ASP A 141 21.50 -6.58 9.54
N LEU A 142 22.66 -7.00 9.05
CA LEU A 142 23.31 -8.21 9.54
C LEU A 142 24.79 -8.13 9.25
N GLN A 143 25.54 -9.06 9.85
CA GLN A 143 26.91 -9.35 9.47
C GLN A 143 26.97 -10.76 8.91
N LEU A 144 27.71 -10.93 7.83
CA LEU A 144 27.89 -12.26 7.22
C LEU A 144 29.16 -12.93 7.70
N GLN A 145 29.09 -14.19 8.09
CA GLN A 145 30.28 -14.99 8.37
C GLN A 145 30.66 -15.83 7.17
N SER A 146 29.67 -16.44 6.51
CA SER A 146 29.96 -17.25 5.36
C SER A 146 28.73 -17.51 4.52
N ILE A 147 28.98 -17.72 3.24
CA ILE A 147 27.97 -18.21 2.33
C ILE A 147 28.57 -19.37 1.55
N ASN A 148 27.90 -20.52 1.61
CA ASN A 148 28.40 -21.72 0.97
C ASN A 148 27.33 -22.35 0.09
N PHE A 149 27.77 -22.87 -1.05
CA PHE A 149 26.90 -23.56 -1.97
C PHE A 149 27.25 -25.04 -1.91
N ILE A 150 26.25 -25.86 -1.63
CA ILE A 150 26.43 -27.29 -1.41
C ILE A 150 25.58 -28.10 -2.37
N GLY A 151 26.13 -29.19 -2.90
CA GLY A 151 25.33 -30.06 -3.76
C GLY A 151 25.06 -29.49 -5.14
N GLY A 152 25.91 -28.54 -5.56
CA GLY A 152 25.86 -28.00 -6.91
C GLY A 152 26.27 -29.00 -7.96
N PRO B 15 15.46 4.43 -27.51
CA PRO B 15 15.73 3.56 -26.36
C PRO B 15 14.63 2.54 -26.15
N THR B 16 15.02 1.38 -25.63
CA THR B 16 14.06 0.32 -25.40
C THR B 16 13.70 0.28 -23.92
N LEU B 17 12.51 -0.26 -23.62
CA LEU B 17 12.05 -0.49 -22.24
C LEU B 17 12.27 -1.93 -21.88
N PRO B 18 12.54 -2.22 -20.61
CA PRO B 18 12.72 -1.19 -19.58
C PRO B 18 14.04 -0.44 -19.75
N TYR B 19 14.03 0.82 -19.34
CA TYR B 19 15.20 1.65 -19.40
C TYR B 19 15.78 1.74 -17.99
N TYR B 20 17.07 1.46 -17.84
CA TYR B 20 17.67 1.56 -16.51
C TYR B 20 19.14 1.84 -16.73
N GLN B 21 19.50 3.12 -16.64
CA GLN B 21 20.81 3.59 -17.02
C GLN B 21 21.41 4.53 -16.01
N PRO B 22 22.74 4.51 -15.91
CA PRO B 22 23.37 5.51 -15.09
C PRO B 22 23.15 6.92 -15.65
N ILE B 23 22.91 7.88 -14.76
CA ILE B 23 22.81 9.28 -15.14
C ILE B 23 24.22 9.83 -15.28
N PRO B 24 24.58 10.31 -16.48
CA PRO B 24 25.97 10.76 -16.68
C PRO B 24 26.35 11.88 -15.73
N GLY B 25 27.36 11.64 -14.90
CA GLY B 25 27.81 12.64 -13.94
C GLY B 25 26.91 12.76 -12.72
N GLY B 26 25.90 11.92 -12.59
CA GLY B 26 24.95 12.05 -11.50
C GLY B 26 24.09 13.30 -11.64
N LEU B 27 23.27 13.57 -10.65
CA LEU B 27 22.45 14.79 -10.61
C LEU B 27 23.18 16.01 -10.09
N ASN B 28 22.84 17.16 -10.65
CA ASN B 28 23.21 18.42 -10.03
C ASN B 28 22.07 19.40 -10.14
N VAL B 29 22.04 20.35 -9.23
CA VAL B 29 21.06 21.41 -9.31
C VAL B 29 21.25 22.09 -10.66
N GLY B 30 20.15 22.32 -11.37
CA GLY B 30 20.22 22.95 -12.68
C GLY B 30 20.10 21.97 -13.83
N MET B 31 20.30 20.68 -13.56
CA MET B 31 20.17 19.66 -14.58
C MET B 31 18.71 19.36 -14.85
N SER B 32 18.40 19.00 -16.09
CA SER B 32 17.05 18.54 -16.45
C SER B 32 17.14 17.17 -17.06
N VAL B 33 16.14 16.35 -16.77
CA VAL B 33 15.96 15.06 -17.44
C VAL B 33 14.74 15.23 -18.32
N TYR B 34 14.92 15.01 -19.63
CA TYR B 34 13.90 15.30 -20.63
C TYR B 34 13.52 14.01 -21.33
N ILE B 35 12.28 13.58 -21.12
CA ILE B 35 11.80 12.30 -21.63
C ILE B 35 10.68 12.59 -22.64
N GLN B 36 10.85 12.02 -23.84
CA GLN B 36 9.81 12.06 -24.85
C GLN B 36 9.30 10.64 -25.02
N GLY B 37 7.99 10.49 -24.94
CA GLY B 37 7.38 9.19 -25.10
C GLY B 37 5.94 9.31 -25.52
N VAL B 38 5.30 8.14 -25.65
CA VAL B 38 3.90 8.08 -26.00
C VAL B 38 3.22 7.15 -25.00
N ALA B 39 2.20 7.64 -24.33
CA ALA B 39 1.44 6.84 -23.40
C ALA B 39 0.68 5.78 -24.18
N SER B 40 0.71 4.54 -23.70
CA SER B 40 0.01 3.46 -24.41
C SER B 40 -1.47 3.78 -24.52
N GLU B 41 -2.10 3.36 -25.62
CA GLU B 41 -3.55 3.46 -25.73
C GLU B 41 -4.24 2.67 -24.66
N HIS B 42 -3.55 1.67 -24.12
CA HIS B 42 -4.10 0.84 -23.06
C HIS B 42 -3.39 1.03 -21.72
N MET B 43 -2.82 2.22 -21.54
CA MET B 43 -2.03 2.50 -20.35
C MET B 43 -2.80 2.31 -19.06
N LYS B 44 -2.19 1.58 -18.13
CA LYS B 44 -2.63 1.60 -16.76
C LYS B 44 -1.71 2.52 -15.93
N ARG B 45 -0.41 2.25 -15.99
CA ARG B 45 0.58 3.06 -15.26
C ARG B 45 1.89 3.08 -15.99
N PHE B 46 2.72 4.08 -15.67
CA PHE B 46 4.15 3.95 -15.89
C PHE B 46 4.86 4.68 -14.79
N PHE B 47 6.16 4.49 -14.70
CA PHE B 47 6.93 5.20 -13.70
C PHE B 47 8.30 5.62 -14.20
N VAL B 48 8.80 6.67 -13.55
CA VAL B 48 10.15 7.12 -13.67
C VAL B 48 10.71 7.12 -12.26
N ASN B 49 11.83 6.43 -12.06
CA ASN B 49 12.54 6.38 -10.79
C ASN B 49 13.93 6.98 -10.87
N PHE B 50 14.25 7.85 -9.90
CA PHE B 50 15.61 8.32 -9.66
C PHE B 50 16.16 7.47 -8.55
N VAL B 51 17.13 6.61 -8.89
CA VAL B 51 17.53 5.52 -8.05
C VAL B 51 18.94 5.72 -7.45
N VAL B 52 19.05 5.39 -6.17
CA VAL B 52 20.33 5.39 -5.46
C VAL B 52 20.90 3.99 -5.61
N GLY B 53 21.64 3.78 -6.70
CA GLY B 53 22.17 2.46 -7.05
C GLY B 53 21.45 1.84 -8.23
N GLN B 54 21.69 0.55 -8.45
CA GLN B 54 21.15 -0.13 -9.62
C GLN B 54 20.69 -1.55 -9.30
N ASP B 55 20.77 -1.92 -8.03
CA ASP B 55 20.52 -3.30 -7.63
C ASP B 55 19.10 -3.47 -7.13
N PRO B 56 18.59 -4.71 -7.09
CA PRO B 56 17.31 -4.92 -6.46
C PRO B 56 17.32 -4.39 -5.03
N GLY B 57 16.24 -3.72 -4.64
CA GLY B 57 16.14 -3.15 -3.30
C GLY B 57 16.80 -1.79 -3.13
N SER B 58 17.40 -1.25 -4.18
CA SER B 58 18.02 0.06 -4.12
C SER B 58 16.97 1.12 -3.77
N ASP B 59 17.36 2.09 -2.96
CA ASP B 59 16.46 3.18 -2.62
C ASP B 59 16.09 3.99 -3.85
N VAL B 60 14.86 4.49 -3.88
CA VAL B 60 14.40 5.35 -4.95
C VAL B 60 14.14 6.72 -4.38
N ALA B 61 14.98 7.69 -4.75
CA ALA B 61 14.88 9.04 -4.24
C ALA B 61 13.55 9.66 -4.68
N PHE B 62 13.13 9.34 -5.90
CA PHE B 62 11.90 9.93 -6.45
C PHE B 62 11.32 8.95 -7.45
N HIS B 63 10.11 8.52 -7.13
CA HIS B 63 9.24 7.69 -7.93
C HIS B 63 8.09 8.57 -8.40
N PHE B 64 8.00 8.74 -9.72
CA PHE B 64 6.97 9.52 -10.40
C PHE B 64 6.09 8.52 -11.15
N ASN B 65 4.80 8.48 -10.80
CA ASN B 65 3.98 7.32 -11.19
C ASN B 65 2.55 7.72 -11.60
N PRO B 66 2.38 8.11 -12.88
CA PRO B 66 1.02 8.34 -13.37
C PRO B 66 0.20 7.05 -13.38
N ARG B 67 -1.05 7.18 -12.95
CA ARG B 67 -1.99 6.05 -12.87
C ARG B 67 -3.36 6.39 -13.46
N PHE B 68 -3.82 5.53 -14.37
CA PHE B 68 -5.16 5.65 -14.95
C PHE B 68 -6.18 4.73 -14.30
N ASP B 69 -5.74 3.84 -13.42
CA ASP B 69 -6.68 2.97 -12.72
C ASP B 69 -7.47 3.79 -11.69
N GLY B 70 -8.77 3.94 -11.90
CA GLY B 70 -9.60 4.76 -11.03
C GLY B 70 -9.64 6.22 -11.48
N TRP B 71 -9.79 7.10 -10.52
CA TRP B 71 -9.77 8.52 -10.77
C TRP B 71 -8.32 8.88 -11.10
N ASP B 72 -8.07 9.25 -12.35
CA ASP B 72 -6.71 9.45 -12.86
C ASP B 72 -5.88 10.36 -11.95
N LYS B 73 -4.64 9.95 -11.66
CA LYS B 73 -3.79 10.74 -10.75
C LYS B 73 -2.33 10.45 -11.01
N VAL B 74 -1.48 11.28 -10.44
CA VAL B 74 -0.05 10.98 -10.43
C VAL B 74 0.40 10.82 -9.00
N VAL B 75 1.10 9.73 -8.74
CA VAL B 75 1.64 9.45 -7.40
C VAL B 75 3.13 9.77 -7.40
N PHE B 76 3.58 10.34 -6.29
CA PHE B 76 4.97 10.73 -6.09
C PHE B 76 5.40 10.16 -4.76
N ASN B 77 6.54 9.49 -4.71
CA ASN B 77 7.00 8.92 -3.44
C ASN B 77 8.49 8.61 -3.47
N THR B 78 8.97 8.12 -2.32
CA THR B 78 10.34 7.75 -2.11
C THR B 78 10.35 6.36 -1.45
N LEU B 79 11.28 5.53 -1.89
CA LEU B 79 11.49 4.19 -1.33
C LEU B 79 12.80 4.20 -0.61
N GLN B 80 12.76 3.94 0.70
CA GLN B 80 13.97 3.96 1.51
CA GLN B 80 14.00 3.88 1.44
C GLN B 80 14.02 2.72 2.42
N GLY B 81 15.10 1.95 2.31
CA GLY B 81 15.26 0.72 3.07
C GLY B 81 14.10 -0.22 2.90
N GLY B 82 13.59 -0.29 1.67
CA GLY B 82 12.48 -1.15 1.34
C GLY B 82 11.13 -0.64 1.77
N LYS B 83 11.08 0.55 2.36
CA LYS B 83 9.83 1.11 2.82
C LYS B 83 9.40 2.34 1.99
N TRP B 84 8.21 2.26 1.41
CA TRP B 84 7.64 3.41 0.74
C TRP B 84 7.20 4.45 1.76
N GLY B 85 7.44 5.71 1.45
CA GLY B 85 7.05 6.80 2.31
C GLY B 85 5.58 7.16 2.14
N SER B 86 5.23 8.33 2.66
CA SER B 86 3.89 8.86 2.49
C SER B 86 3.76 9.39 1.09
N GLU B 87 2.84 8.82 0.32
CA GLU B 87 2.62 9.24 -1.03
C GLU B 87 2.14 10.67 -1.09
N GLU B 88 2.63 11.40 -2.07
CA GLU B 88 1.97 12.62 -2.50
C GLU B 88 1.22 12.27 -3.76
N ARG B 89 0.10 12.95 -3.99
CA ARG B 89 -0.72 12.65 -5.15
C ARG B 89 -1.25 13.94 -5.72
N LYS B 90 -1.28 14.01 -7.04
CA LYS B 90 -1.96 15.10 -7.70
C LYS B 90 -3.02 14.54 -8.62
N ARG B 91 -4.21 15.11 -8.49
CA ARG B 91 -5.41 14.54 -9.03
C ARG B 91 -5.77 15.16 -10.36
N SER B 92 -4.77 15.51 -11.14
CA SER B 92 -4.94 15.94 -12.50
C SER B 92 -4.03 15.01 -13.27
N MET B 93 -4.47 14.61 -14.44
CA MET B 93 -3.68 13.72 -15.24
C MET B 93 -3.27 14.49 -16.47
N PRO B 94 -1.97 14.77 -16.62
CA PRO B 94 -1.48 15.53 -17.77
C PRO B 94 -1.18 14.67 -18.98
N PHE B 95 -1.19 13.34 -18.82
CA PHE B 95 -0.99 12.40 -19.90
C PHE B 95 -2.37 11.97 -20.40
N LYS B 96 -2.36 11.39 -21.57
CA LYS B 96 -3.56 10.90 -22.23
C LYS B 96 -3.21 9.61 -22.94
N LYS B 97 -4.08 8.60 -22.81
CA LYS B 97 -3.84 7.33 -23.48
C LYS B 97 -3.66 7.55 -24.97
N GLY B 98 -2.59 7.01 -25.52
CA GLY B 98 -2.28 7.10 -26.95
C GLY B 98 -1.56 8.36 -27.37
N ALA B 99 -1.35 9.29 -26.44
CA ALA B 99 -0.78 10.61 -26.78
C ALA B 99 0.70 10.74 -26.42
N ALA B 100 1.45 11.38 -27.31
CA ALA B 100 2.85 11.74 -27.09
C ALA B 100 2.92 12.76 -25.98
N PHE B 101 4.00 12.71 -25.21
CA PHE B 101 4.22 13.70 -24.17
C PHE B 101 5.67 14.12 -24.13
N GLU B 102 5.88 15.30 -23.55
CA GLU B 102 7.21 15.80 -23.23
C GLU B 102 7.23 16.00 -21.73
N LEU B 103 8.09 15.23 -21.07
CA LEU B 103 8.13 15.17 -19.62
C LEU B 103 9.50 15.62 -19.19
N VAL B 104 9.53 16.67 -18.39
CA VAL B 104 10.79 17.24 -17.93
C VAL B 104 10.85 17.27 -16.42
N PHE B 105 11.99 16.83 -15.88
CA PHE B 105 12.29 16.97 -14.46
C PHE B 105 13.45 17.94 -14.31
N ILE B 106 13.19 19.08 -13.69
CA ILE B 106 14.24 20.05 -13.43
C ILE B 106 14.70 19.87 -12.00
N VAL B 107 15.99 19.55 -11.84
CA VAL B 107 16.53 19.28 -10.52
C VAL B 107 16.93 20.57 -9.84
N LEU B 108 16.19 20.95 -8.81
CA LEU B 108 16.46 22.18 -8.10
C LEU B 108 16.87 21.88 -6.66
N ALA B 109 17.33 22.91 -5.96
CA ALA B 109 17.84 22.70 -4.62
C ALA B 109 16.80 22.09 -3.70
N GLU B 110 15.55 22.55 -3.79
CA GLU B 110 14.54 22.16 -2.82
C GLU B 110 13.69 21.00 -3.31
N HIS B 111 13.63 20.81 -4.63
CA HIS B 111 12.70 19.82 -5.18
C HIS B 111 13.04 19.45 -6.60
N TYR B 112 12.40 18.38 -7.06
CA TYR B 112 12.28 18.11 -8.49
C TYR B 112 11.07 18.86 -9.01
N LYS B 113 11.27 19.68 -10.03
CA LYS B 113 10.16 20.35 -10.68
C LYS B 113 9.76 19.55 -11.91
N VAL B 114 8.51 19.11 -11.93
CA VAL B 114 7.98 18.33 -13.02
C VAL B 114 7.18 19.22 -13.96
N VAL B 115 7.51 19.18 -15.24
CA VAL B 115 6.84 19.95 -16.26
C VAL B 115 6.36 18.95 -17.31
N VAL B 116 5.07 19.02 -17.66
CA VAL B 116 4.53 18.11 -18.65
C VAL B 116 3.88 18.89 -19.79
N ASN B 117 4.35 18.62 -20.99
CA ASN B 117 3.90 19.29 -22.20
C ASN B 117 3.91 20.80 -22.00
N GLY B 118 4.98 21.27 -21.36
CA GLY B 118 5.19 22.69 -21.15
C GLY B 118 4.56 23.28 -19.92
N ASN B 119 3.69 22.54 -19.25
CA ASN B 119 2.93 23.07 -18.13
C ASN B 119 3.56 22.61 -16.82
N PRO B 120 3.99 23.54 -15.96
CA PRO B 120 4.48 23.11 -14.65
C PRO B 120 3.41 22.29 -13.94
N PHE B 121 3.81 21.13 -13.43
CA PHE B 121 2.87 20.17 -12.89
C PHE B 121 2.98 19.94 -11.39
N TYR B 122 4.21 19.82 -10.89
CA TYR B 122 4.40 19.48 -9.49
C TYR B 122 5.83 19.79 -9.07
N GLU B 123 5.99 20.04 -7.78
CA GLU B 123 7.31 20.22 -7.18
C GLU B 123 7.44 19.21 -6.04
N TYR B 124 8.25 18.19 -6.25
CA TYR B 124 8.41 17.13 -5.26
C TYR B 124 9.64 17.38 -4.43
N GLY B 125 9.43 17.71 -3.15
CA GLY B 125 10.56 18.00 -2.27
C GLY B 125 11.50 16.82 -2.10
N HIS B 126 12.80 17.08 -2.08
CA HIS B 126 13.78 16.01 -1.88
C HIS B 126 13.59 15.33 -0.54
N ARG B 127 13.62 14.01 -0.55
CA ARG B 127 13.60 13.22 0.66
C ARG B 127 14.88 12.38 0.81
N LEU B 128 15.59 12.09 -0.30
CA LEU B 128 16.93 11.56 -0.24
C LEU B 128 17.85 12.52 -1.01
N PRO B 129 19.17 12.47 -0.74
CA PRO B 129 20.00 13.51 -1.34
C PRO B 129 20.13 13.35 -2.83
N LEU B 130 19.90 14.42 -3.58
CA LEU B 130 20.01 14.34 -5.03
C LEU B 130 21.43 13.94 -5.41
N GLN B 131 22.38 14.25 -4.54
CA GLN B 131 23.77 13.93 -4.82
C GLN B 131 24.05 12.42 -4.79
N MET B 132 23.15 11.63 -4.20
CA MET B 132 23.36 10.18 -4.12
CA MET B 132 23.33 10.20 -4.10
C MET B 132 22.63 9.41 -5.20
N VAL B 133 21.81 10.08 -6.00
CA VAL B 133 21.13 9.41 -7.12
C VAL B 133 22.16 9.07 -8.18
N THR B 134 22.13 7.84 -8.67
CA THR B 134 23.06 7.39 -9.70
C THR B 134 22.41 6.97 -11.01
N HIS B 135 21.17 6.50 -10.95
CA HIS B 135 20.51 5.87 -12.09
C HIS B 135 19.10 6.41 -12.33
N LEU B 136 18.69 6.32 -13.59
CA LEU B 136 17.31 6.60 -13.99
C LEU B 136 16.71 5.30 -14.51
N GLN B 137 15.54 4.97 -13.99
CA GLN B 137 14.79 3.79 -14.39
C GLN B 137 13.42 4.21 -14.90
N VAL B 138 13.05 3.74 -16.09
CA VAL B 138 11.75 4.05 -16.68
C VAL B 138 11.12 2.78 -17.23
N ASP B 139 9.86 2.55 -16.88
CA ASP B 139 9.15 1.38 -17.38
C ASP B 139 7.65 1.55 -17.24
N GLY B 140 6.92 0.68 -17.91
CA GLY B 140 5.47 0.67 -17.81
C GLY B 140 4.81 0.72 -19.16
N ASP B 141 3.59 1.26 -19.19
CA ASP B 141 2.76 1.21 -20.37
C ASP B 141 2.96 2.44 -21.26
N LEU B 142 4.12 2.51 -21.89
CA LEU B 142 4.46 3.61 -22.78
C LEU B 142 5.46 3.12 -23.81
N GLN B 143 5.64 3.92 -24.86
CA GLN B 143 6.77 3.80 -25.75
C GLN B 143 7.69 4.99 -25.50
N LEU B 144 8.98 4.72 -25.49
CA LEU B 144 9.98 5.74 -25.24
C LEU B 144 10.59 6.17 -26.56
N GLN B 145 10.61 7.47 -26.81
CA GLN B 145 11.24 8.02 -28.00
C GLN B 145 12.67 8.49 -27.68
N SER B 146 12.86 9.14 -26.55
CA SER B 146 14.17 9.60 -26.16
C SER B 146 14.23 9.98 -24.69
N ILE B 147 15.43 9.85 -24.13
CA ILE B 147 15.74 10.38 -22.82
C ILE B 147 17.04 11.14 -22.93
N ASN B 148 16.99 12.40 -22.51
CA ASN B 148 18.14 13.25 -22.59
C ASN B 148 18.43 13.93 -21.25
N PHE B 149 19.71 14.12 -20.96
CA PHE B 149 20.14 14.80 -19.75
C PHE B 149 20.75 16.13 -20.17
N ILE B 150 20.19 17.20 -19.64
CA ILE B 150 20.54 18.55 -20.08
C ILE B 150 21.08 19.34 -18.89
N GLY B 151 22.16 20.08 -19.09
CA GLY B 151 22.64 20.95 -18.02
C GLY B 151 23.39 20.25 -16.92
N GLY B 152 23.93 19.07 -17.21
CA GLY B 152 24.75 18.35 -16.26
C GLY B 152 26.10 19.01 -16.04
N GLN B 153 26.59 18.95 -14.80
CA GLN B 153 27.89 19.52 -14.40
C GLN B 153 27.92 21.03 -14.51
N PRO C 15 4.75 17.97 5.75
CA PRO C 15 4.09 16.76 5.26
C PRO C 15 2.76 17.06 4.59
N THR C 16 2.38 16.24 3.60
CA THR C 16 1.22 16.48 2.77
C THR C 16 0.07 15.53 3.08
N LEU C 17 -1.18 15.98 2.94
CA LEU C 17 -2.35 15.12 3.16
C LEU C 17 -2.88 14.60 1.84
N PRO C 18 -3.38 13.37 1.81
CA PRO C 18 -3.40 12.48 2.98
C PRO C 18 -2.03 11.93 3.31
N TYR C 19 -1.80 11.70 4.59
CA TYR C 19 -0.51 11.27 5.09
C TYR C 19 -0.63 9.81 5.48
N TYR C 20 0.33 9.00 5.07
CA TYR C 20 0.29 7.56 5.37
C TYR C 20 1.75 7.09 5.38
N GLN C 21 2.34 7.13 6.57
CA GLN C 21 3.79 7.15 6.78
C GLN C 21 4.21 5.98 7.64
N PRO C 22 5.25 5.25 7.23
CA PRO C 22 5.70 4.18 8.13
C PRO C 22 6.29 4.76 9.41
N ILE C 23 5.96 4.13 10.53
CA ILE C 23 6.50 4.50 11.82
C ILE C 23 7.86 3.81 11.98
N PRO C 24 8.94 4.58 12.21
CA PRO C 24 10.27 3.96 12.25
C PRO C 24 10.35 2.85 13.28
N GLY C 25 10.62 1.64 12.83
CA GLY C 25 10.75 0.48 13.70
C GLY C 25 9.42 -0.19 14.03
N GLY C 26 8.32 0.39 13.58
CA GLY C 26 6.99 -0.01 14.01
C GLY C 26 6.65 0.62 15.34
N LEU C 27 5.40 0.52 15.72
CA LEU C 27 4.97 1.08 16.98
C LEU C 27 5.48 0.23 18.15
N ASN C 28 5.89 0.91 19.22
CA ASN C 28 6.38 0.21 20.42
C ASN C 28 6.05 1.00 21.69
N VAL C 29 5.97 0.30 22.81
CA VAL C 29 5.72 0.93 24.09
C VAL C 29 6.81 1.96 24.32
N GLY C 30 6.44 3.14 24.83
CA GLY C 30 7.43 4.18 25.14
C GLY C 30 7.52 5.24 24.06
N MET C 31 6.97 4.95 22.90
CA MET C 31 7.02 5.90 21.79
C MET C 31 5.99 6.99 22.00
N SER C 32 6.34 8.21 21.55
CA SER C 32 5.35 9.30 21.49
C SER C 32 5.29 9.78 20.07
N VAL C 33 4.09 10.13 19.63
CA VAL C 33 3.87 10.68 18.29
C VAL C 33 3.40 12.11 18.52
N TYR C 34 4.14 13.07 17.98
CA TYR C 34 3.83 14.50 18.16
C TYR C 34 3.38 15.04 16.83
N ILE C 35 2.14 15.51 16.76
CA ILE C 35 1.59 16.10 15.54
C ILE C 35 1.30 17.56 15.79
N GLN C 36 1.89 18.42 14.97
CA GLN C 36 1.55 19.84 15.00
C GLN C 36 0.75 20.14 13.75
N GLY C 37 -0.42 20.71 13.93
CA GLY C 37 -1.26 21.01 12.79
C GLY C 37 -2.16 22.17 13.11
N VAL C 38 -3.02 22.50 12.15
CA VAL C 38 -4.02 23.55 12.30
C VAL C 38 -5.34 22.99 11.86
N ALA C 39 -6.34 23.08 12.73
CA ALA C 39 -7.69 22.64 12.36
C ALA C 39 -8.23 23.59 11.31
N SER C 40 -8.86 23.05 10.27
N SER C 40 -8.84 23.06 10.25
CA SER C 40 -9.39 23.90 9.22
CA SER C 40 -9.34 23.92 9.19
C SER C 40 -10.42 24.85 9.77
C SER C 40 -10.41 24.85 9.75
N GLU C 41 -10.49 26.05 9.19
CA GLU C 41 -11.55 26.98 9.55
C GLU C 41 -12.91 26.40 9.23
N HIS C 42 -12.94 25.44 8.30
CA HIS C 42 -14.19 24.80 7.90
C HIS C 42 -14.24 23.34 8.33
N MET C 43 -13.51 23.01 9.40
CA MET C 43 -13.41 21.62 9.82
C MET C 43 -14.76 20.95 10.10
N LYS C 44 -14.98 19.80 9.47
CA LYS C 44 -16.05 18.90 9.85
C LYS C 44 -15.47 17.74 10.69
N ARG C 45 -14.45 17.10 10.15
CA ARG C 45 -13.79 15.98 10.82
C ARG C 45 -12.35 15.85 10.38
N PHE C 46 -11.53 15.20 11.20
CA PHE C 46 -10.30 14.61 10.72
C PHE C 46 -10.05 13.36 11.51
N PHE C 47 -9.12 12.57 11.04
CA PHE C 47 -8.74 11.39 11.82
C PHE C 47 -7.24 11.14 11.80
N VAL C 48 -6.80 10.44 12.84
CA VAL C 48 -5.46 9.88 12.93
C VAL C 48 -5.66 8.40 13.19
N ASN C 49 -5.11 7.58 12.30
CA ASN C 49 -5.16 6.12 12.38
C ASN C 49 -3.79 5.53 12.61
N PHE C 50 -3.73 4.57 13.51
CA PHE C 50 -2.56 3.71 13.72
C PHE C 50 -2.87 2.41 13.01
N VAL C 51 -2.20 2.19 11.88
CA VAL C 51 -2.61 1.20 10.88
C VAL C 51 -1.66 0.02 10.82
N VAL C 52 -2.26 -1.16 10.64
CA VAL C 52 -1.50 -2.40 10.49
C VAL C 52 -1.26 -2.68 9.00
N GLY C 53 -0.14 -2.23 8.50
CA GLY C 53 0.23 -2.45 7.11
C GLY C 53 -0.36 -1.46 6.13
N GLN C 54 -0.31 -1.84 4.85
CA GLN C 54 -0.77 -1.00 3.76
C GLN C 54 -1.60 -1.78 2.73
N ASP C 55 -2.09 -2.96 3.08
CA ASP C 55 -2.85 -3.76 2.11
C ASP C 55 -4.29 -3.28 2.13
N PRO C 56 -5.04 -3.56 1.06
CA PRO C 56 -6.47 -3.22 1.11
C PRO C 56 -7.16 -3.89 2.31
N GLY C 57 -7.92 -3.11 3.08
CA GLY C 57 -8.60 -3.64 4.27
C GLY C 57 -7.71 -3.83 5.49
N SER C 58 -6.58 -3.12 5.53
CA SER C 58 -5.71 -3.11 6.70
C SER C 58 -6.47 -2.81 7.98
N ASP C 59 -6.12 -3.51 9.05
CA ASP C 59 -6.67 -3.22 10.37
C ASP C 59 -6.20 -1.83 10.84
N VAL C 60 -7.03 -1.18 11.65
CA VAL C 60 -6.67 0.07 12.29
C VAL C 60 -6.73 -0.18 13.78
N ALA C 61 -5.56 -0.25 14.38
CA ALA C 61 -5.50 -0.51 15.82
C ALA C 61 -6.21 0.61 16.61
N PHE C 62 -6.07 1.85 16.15
CA PHE C 62 -6.63 2.99 16.85
C PHE C 62 -6.94 4.10 15.86
N HIS C 63 -8.22 4.44 15.83
CA HIS C 63 -8.79 5.53 15.06
C HIS C 63 -9.22 6.62 16.03
N PHE C 64 -8.65 7.81 15.85
CA PHE C 64 -8.92 9.01 16.65
C PHE C 64 -9.59 10.00 15.72
N ASN C 65 -10.84 10.34 16.01
CA ASN C 65 -11.71 11.01 15.06
C ASN C 65 -12.52 12.15 15.66
N PRO C 66 -11.92 13.36 15.76
CA PRO C 66 -12.73 14.54 16.12
C PRO C 66 -13.78 14.88 15.07
N ARG C 67 -14.96 15.25 15.56
CA ARG C 67 -16.10 15.56 14.72
C ARG C 67 -16.88 16.79 15.20
N PHE C 68 -17.16 17.70 14.27
CA PHE C 68 -18.02 18.85 14.56
C PHE C 68 -19.48 18.59 14.17
N ASP C 69 -19.75 17.52 13.45
CA ASP C 69 -21.14 17.17 13.15
C ASP C 69 -21.85 16.63 14.39
N GLY C 70 -22.99 17.23 14.72
CA GLY C 70 -23.75 16.86 15.91
C GLY C 70 -23.19 17.57 17.12
N TRP C 71 -23.35 16.94 18.29
CA TRP C 71 -22.63 17.37 19.48
C TRP C 71 -21.15 17.27 19.15
N ASP C 72 -20.39 18.36 19.31
CA ASP C 72 -18.96 18.31 19.02
C ASP C 72 -18.32 17.25 19.92
N LYS C 73 -17.56 16.35 19.32
CA LYS C 73 -17.10 15.18 20.04
C LYS C 73 -15.88 14.58 19.39
N VAL C 74 -15.29 13.60 20.09
CA VAL C 74 -14.23 12.80 19.51
C VAL C 74 -14.65 11.34 19.63
N VAL C 75 -14.55 10.63 18.50
CA VAL C 75 -14.83 9.21 18.44
C VAL C 75 -13.52 8.42 18.39
N PHE C 76 -13.49 7.28 19.08
CA PHE C 76 -12.32 6.42 19.18
C PHE C 76 -12.78 5.01 18.84
N ASN C 77 -12.04 4.32 17.98
CA ASN C 77 -12.43 2.96 17.63
C ASN C 77 -11.25 2.16 17.04
N THR C 78 -11.54 0.91 16.77
CA THR C 78 -10.61 -0.03 16.16
C THR C 78 -11.35 -0.72 14.99
N LEU C 79 -10.62 -0.88 13.87
CA LEU C 79 -11.10 -1.61 12.71
C LEU C 79 -10.31 -2.92 12.67
N GLN C 80 -11.00 -4.04 12.83
CA GLN C 80 -10.34 -5.35 12.83
C GLN C 80 -11.07 -6.27 11.87
N GLY C 81 -10.35 -6.87 10.92
CA GLY C 81 -10.97 -7.70 9.89
C GLY C 81 -12.04 -6.98 9.10
N GLY C 82 -11.83 -5.70 8.82
CA GLY C 82 -12.80 -4.88 8.09
C GLY C 82 -14.05 -4.45 8.85
N LYS C 83 -14.11 -4.75 10.14
CA LYS C 83 -15.26 -4.37 10.96
C LYS C 83 -14.86 -3.35 12.01
N TRP C 84 -15.60 -2.25 12.06
CA TRP C 84 -15.45 -1.29 13.17
C TRP C 84 -16.00 -1.92 14.45
N GLY C 85 -15.29 -1.71 15.55
CA GLY C 85 -15.74 -2.21 16.85
C GLY C 85 -16.77 -1.30 17.49
N SER C 86 -16.96 -1.49 18.79
CA SER C 86 -17.80 -0.59 19.57
C SER C 86 -17.08 0.71 19.84
N GLU C 87 -17.67 1.82 19.41
CA GLU C 87 -17.06 3.14 19.57
C GLU C 87 -16.95 3.53 21.02
N GLU C 88 -15.85 4.17 21.36
CA GLU C 88 -15.80 4.99 22.55
C GLU C 88 -15.95 6.43 22.08
N ARG C 89 -16.54 7.26 22.92
CA ARG C 89 -16.76 8.66 22.57
C ARG C 89 -16.47 9.55 23.76
N LYS C 90 -15.91 10.71 23.47
CA LYS C 90 -15.82 11.79 24.46
C LYS C 90 -16.52 13.03 23.91
N ARG C 91 -17.56 13.47 24.60
CA ARG C 91 -18.40 14.57 24.12
C ARG C 91 -17.79 15.90 24.50
N SER C 92 -16.53 16.07 24.12
CA SER C 92 -15.81 17.30 24.36
C SER C 92 -14.93 17.50 23.13
N MET C 93 -14.77 18.75 22.72
CA MET C 93 -13.97 19.06 21.53
C MET C 93 -12.78 19.91 21.93
N PRO C 94 -11.56 19.35 21.84
CA PRO C 94 -10.37 20.09 22.25
C PRO C 94 -9.75 20.93 21.16
N PHE C 95 -10.25 20.76 19.93
CA PHE C 95 -9.79 21.54 18.82
C PHE C 95 -10.72 22.71 18.60
N LYS C 96 -10.25 23.66 17.80
CA LYS C 96 -10.99 24.86 17.48
C LYS C 96 -10.74 25.18 16.02
N LYS C 97 -11.82 25.44 15.29
CA LYS C 97 -11.71 25.74 13.86
C LYS C 97 -10.75 26.90 13.63
N GLY C 98 -9.76 26.68 12.77
CA GLY C 98 -8.77 27.67 12.42
C GLY C 98 -7.56 27.73 13.32
N ALA C 99 -7.58 26.97 14.41
CA ALA C 99 -6.53 27.10 15.44
C ALA C 99 -5.47 26.02 15.34
N ALA C 100 -4.22 26.42 15.55
CA ALA C 100 -3.11 25.47 15.66
C ALA C 100 -3.29 24.61 16.89
N PHE C 101 -2.88 23.35 16.79
CA PHE C 101 -2.95 22.42 17.89
C PHE C 101 -1.65 21.62 17.95
N GLU C 102 -1.39 21.09 19.14
CA GLU C 102 -0.37 20.08 19.35
C GLU C 102 -1.08 18.84 19.84
N LEU C 103 -0.91 17.76 19.09
CA LEU C 103 -1.64 16.52 19.38
C LEU C 103 -0.60 15.45 19.62
N VAL C 104 -0.61 14.86 20.80
CA VAL C 104 0.41 13.91 21.17
C VAL C 104 -0.25 12.59 21.55
N PHE C 105 0.29 11.50 20.99
CA PHE C 105 -0.11 10.14 21.43
C PHE C 105 1.06 9.47 22.13
N ILE C 106 0.89 9.15 23.41
CA ILE C 106 1.93 8.48 24.17
C ILE C 106 1.53 7.00 24.24
N VAL C 107 2.38 6.14 23.72
CA VAL C 107 2.06 4.72 23.65
C VAL C 107 2.53 3.99 24.90
N LEU C 108 1.56 3.60 25.71
CA LEU C 108 1.85 2.92 26.95
C LEU C 108 1.38 1.46 26.82
N ALA C 109 1.83 0.59 27.71
CA ALA C 109 1.46 -0.81 27.66
C ALA C 109 -0.05 -1.02 27.67
N GLU C 110 -0.77 -0.20 28.44
CA GLU C 110 -2.22 -0.39 28.66
C GLU C 110 -3.09 0.33 27.65
N HIS C 111 -2.60 1.46 27.13
CA HIS C 111 -3.41 2.31 26.28
C HIS C 111 -2.60 3.32 25.53
N TYR C 112 -3.25 3.92 24.54
CA TYR C 112 -2.73 5.16 23.95
C TYR C 112 -3.20 6.31 24.82
N LYS C 113 -2.27 7.13 25.31
CA LYS C 113 -2.63 8.33 26.03
C LYS C 113 -2.63 9.50 25.06
N VAL C 114 -3.79 10.12 24.89
CA VAL C 114 -3.94 11.25 23.99
C VAL C 114 -3.87 12.55 24.79
N VAL C 115 -3.00 13.46 24.34
CA VAL C 115 -2.80 14.77 24.95
C VAL C 115 -3.01 15.82 23.87
N VAL C 116 -3.88 16.78 24.12
CA VAL C 116 -4.14 17.84 23.15
C VAL C 116 -3.81 19.18 23.80
N ASN C 117 -2.89 19.92 23.16
CA ASN C 117 -2.44 21.23 23.65
C ASN C 117 -1.99 21.16 25.12
N GLY C 118 -1.33 20.07 25.47
CA GLY C 118 -0.80 19.87 26.82
C GLY C 118 -1.76 19.26 27.81
N ASN C 119 -3.03 19.14 27.44
CA ASN C 119 -4.05 18.63 28.32
CA ASN C 119 -4.05 18.62 28.34
C ASN C 119 -4.37 17.16 28.07
N PRO C 120 -4.37 16.32 29.13
CA PRO C 120 -4.77 14.94 28.95
C PRO C 120 -6.19 14.90 28.42
N PHE C 121 -6.40 14.14 27.35
CA PHE C 121 -7.73 14.13 26.77
C PHE C 121 -8.41 12.77 26.88
N TYR C 122 -7.67 11.70 26.64
CA TYR C 122 -8.27 10.37 26.65
C TYR C 122 -7.21 9.29 26.76
N GLU C 123 -7.62 8.14 27.30
CA GLU C 123 -6.78 6.95 27.32
C GLU C 123 -7.53 5.81 26.63
N TYR C 124 -7.08 5.41 25.44
CA TYR C 124 -7.76 4.37 24.66
C TYR C 124 -7.06 3.02 24.85
N GLY C 125 -7.73 2.09 25.52
CA GLY C 125 -7.15 0.79 25.78
C GLY C 125 -6.88 0.01 24.51
N HIS C 126 -5.75 -0.69 24.48
CA HIS C 126 -5.40 -1.48 23.30
C HIS C 126 -6.42 -2.58 23.07
N ARG C 127 -6.82 -2.71 21.82
CA ARG C 127 -7.67 -3.80 21.40
C ARG C 127 -6.89 -4.75 20.49
N LEU C 128 -6.11 -4.20 19.56
CA LEU C 128 -5.13 -4.98 18.80
C LEU C 128 -3.78 -4.80 19.45
N PRO C 129 -2.94 -5.85 19.46
CA PRO C 129 -1.59 -5.69 19.97
C PRO C 129 -0.87 -4.54 19.27
N LEU C 130 -0.35 -3.62 20.07
CA LEU C 130 0.15 -2.35 19.51
C LEU C 130 1.31 -2.54 18.57
N GLN C 131 2.09 -3.61 18.76
CA GLN C 131 3.25 -3.84 17.92
C GLN C 131 2.89 -4.21 16.51
N MET C 132 1.62 -4.53 16.25
CA MET C 132 1.19 -4.79 14.88
C MET C 132 1.20 -3.52 14.02
N VAL C 133 1.17 -2.37 14.68
CA VAL C 133 1.05 -1.11 13.96
C VAL C 133 2.33 -0.75 13.24
N THR C 134 2.20 -0.46 11.94
CA THR C 134 3.37 -0.10 11.12
C THR C 134 3.33 1.31 10.58
N HIS C 135 2.13 1.89 10.46
CA HIS C 135 1.95 3.15 9.78
C HIS C 135 1.07 4.11 10.55
N LEU C 136 1.31 5.39 10.33
CA LEU C 136 0.45 6.44 10.83
C LEU C 136 -0.23 7.10 9.64
N GLN C 137 -1.56 7.16 9.69
CA GLN C 137 -2.35 7.73 8.64
C GLN C 137 -3.14 8.91 9.18
N VAL C 138 -3.06 10.03 8.48
CA VAL C 138 -3.75 11.21 8.91
C VAL C 138 -4.44 11.83 7.70
N ASP C 139 -5.70 12.21 7.88
CA ASP C 139 -6.46 12.85 6.80
C ASP C 139 -7.65 13.59 7.34
N GLY C 140 -8.17 14.49 6.52
CA GLY C 140 -9.36 15.22 6.86
C GLY C 140 -9.15 16.73 6.79
N ASP C 141 -9.92 17.45 7.59
CA ASP C 141 -10.01 18.91 7.50
C ASP C 141 -9.00 19.58 8.44
N LEU C 142 -7.75 19.50 8.06
CA LEU C 142 -6.68 20.13 8.78
C LEU C 142 -5.52 20.41 7.86
N GLN C 143 -4.59 21.21 8.35
CA GLN C 143 -3.29 21.34 7.74
C GLN C 143 -2.27 20.73 8.70
N LEU C 144 -1.32 19.99 8.15
CA LEU C 144 -0.29 19.33 8.90
C LEU C 144 1.03 20.12 8.80
N GLN C 145 1.59 20.50 9.94
CA GLN C 145 2.87 21.20 9.98
CA GLN C 145 2.90 21.20 9.96
C GLN C 145 4.05 20.27 10.21
N SER C 146 3.89 19.32 11.13
CA SER C 146 4.94 18.37 11.38
C SER C 146 4.42 17.16 12.15
N ILE C 147 5.09 16.04 11.93
CA ILE C 147 4.85 14.82 12.68
C ILE C 147 6.22 14.30 13.11
N ASN C 148 6.42 14.08 14.40
CA ASN C 148 7.69 13.55 14.91
C ASN C 148 7.44 12.33 15.77
N PHE C 149 8.29 11.32 15.62
CA PHE C 149 8.22 10.10 16.41
C PHE C 149 9.39 10.13 17.38
N ILE C 150 9.07 10.00 18.66
CA ILE C 150 10.06 10.08 19.71
C ILE C 150 10.05 8.76 20.48
N GLY C 151 11.23 8.20 20.73
CA GLY C 151 11.39 7.02 21.57
C GLY C 151 11.06 5.71 20.89
N PRO D 15 -12.25 -17.67 -3.75
CA PRO D 15 -11.82 -16.50 -2.99
C PRO D 15 -12.24 -16.56 -1.52
N THR D 16 -11.43 -16.00 -0.64
CA THR D 16 -11.70 -16.02 0.79
C THR D 16 -12.21 -14.66 1.25
N LEU D 17 -12.88 -14.67 2.40
CA LEU D 17 -13.44 -13.46 3.01
C LEU D 17 -12.63 -13.05 4.23
N PRO D 18 -12.54 -11.74 4.51
CA PRO D 18 -13.09 -10.71 3.64
C PRO D 18 -12.33 -10.57 2.32
N TYR D 19 -13.06 -10.19 1.28
CA TYR D 19 -12.51 -9.99 -0.04
C TYR D 19 -12.35 -8.50 -0.28
N TYR D 20 -11.18 -8.09 -0.77
CA TYR D 20 -10.93 -6.68 -1.00
C TYR D 20 -9.86 -6.58 -2.07
N GLN D 21 -10.30 -6.41 -3.30
CA GLN D 21 -9.42 -6.52 -4.46
C GLN D 21 -9.62 -5.41 -5.46
N PRO D 22 -8.56 -5.09 -6.23
CA PRO D 22 -8.71 -4.08 -7.25
C PRO D 22 -9.57 -4.56 -8.43
N ILE D 23 -10.42 -3.67 -8.93
CA ILE D 23 -11.16 -3.89 -10.15
C ILE D 23 -10.19 -3.50 -11.27
N PRO D 24 -9.77 -4.45 -12.09
CA PRO D 24 -8.75 -4.16 -13.09
C PRO D 24 -9.11 -2.97 -13.99
N GLY D 25 -8.29 -1.93 -13.92
CA GLY D 25 -8.45 -0.72 -14.70
C GLY D 25 -9.32 0.33 -14.04
N GLY D 26 -9.98 -0.04 -12.95
CA GLY D 26 -10.99 0.78 -12.34
C GLY D 26 -12.35 0.56 -12.99
N LEU D 27 -13.39 1.01 -12.30
CA LEU D 27 -14.75 0.83 -12.77
C LEU D 27 -15.02 1.74 -13.95
N ASN D 28 -15.80 1.24 -14.92
CA ASN D 28 -16.20 2.05 -16.07
C ASN D 28 -17.62 1.73 -16.52
N VAL D 29 -18.24 2.69 -17.20
CA VAL D 29 -19.57 2.49 -17.75
C VAL D 29 -19.52 1.30 -18.67
N GLY D 30 -20.51 0.41 -18.53
CA GLY D 30 -20.59 -0.78 -19.37
C GLY D 30 -20.02 -2.02 -18.75
N MET D 31 -19.28 -1.88 -17.66
CA MET D 31 -18.72 -3.04 -16.98
CA MET D 31 -18.71 -3.03 -16.97
C MET D 31 -19.80 -3.71 -16.14
N SER D 32 -19.60 -4.98 -15.84
CA SER D 32 -20.46 -5.71 -14.89
C SER D 32 -19.60 -6.44 -13.89
N VAL D 33 -20.17 -6.65 -12.70
CA VAL D 33 -19.52 -7.46 -11.69
C VAL D 33 -20.44 -8.62 -11.40
N TYR D 34 -19.90 -9.81 -11.52
CA TYR D 34 -20.68 -11.05 -11.37
C TYR D 34 -20.15 -11.84 -10.18
N ILE D 35 -20.99 -12.00 -9.14
CA ILE D 35 -20.62 -12.69 -7.92
C ILE D 35 -21.45 -13.94 -7.75
N GLN D 36 -20.80 -15.07 -7.51
CA GLN D 36 -21.46 -16.32 -7.17
C GLN D 36 -21.09 -16.69 -5.75
N GLY D 37 -22.09 -16.96 -4.93
CA GLY D 37 -21.85 -17.30 -3.55
C GLY D 37 -23.01 -18.09 -2.98
N VAL D 38 -22.91 -18.40 -1.70
CA VAL D 38 -23.94 -19.11 -0.97
C VAL D 38 -24.22 -18.33 0.30
N ALA D 39 -25.48 -17.93 0.47
CA ALA D 39 -25.89 -17.23 1.70
C ALA D 39 -25.83 -18.19 2.87
N SER D 40 -25.27 -17.75 4.01
CA SER D 40 -25.19 -18.61 5.19
C SER D 40 -26.56 -19.09 5.63
N GLU D 41 -26.64 -20.32 6.13
CA GLU D 41 -27.89 -20.80 6.69
C GLU D 41 -28.32 -19.94 7.87
N HIS D 42 -27.37 -19.25 8.48
CA HIS D 42 -27.67 -18.35 9.60
C HIS D 42 -27.42 -16.88 9.25
N MET D 43 -27.55 -16.55 7.97
CA MET D 43 -27.23 -15.22 7.51
C MET D 43 -28.02 -14.16 8.25
N LYS D 44 -27.29 -13.16 8.74
CA LYS D 44 -27.88 -11.92 9.20
C LYS D 44 -27.72 -10.84 8.12
N ARG D 45 -26.49 -10.65 7.67
CA ARG D 45 -26.18 -9.64 6.63
C ARG D 45 -24.97 -10.02 5.84
N PHE D 46 -24.84 -9.44 4.64
CA PHE D 46 -23.56 -9.33 3.99
C PHE D 46 -23.55 -8.07 3.16
N PHE D 47 -22.38 -7.68 2.67
CA PHE D 47 -22.32 -6.50 1.84
C PHE D 47 -21.33 -6.62 0.70
N VAL D 48 -21.60 -5.83 -0.33
CA VAL D 48 -20.69 -5.64 -1.42
C VAL D 48 -20.47 -4.13 -1.53
N ASN D 49 -19.21 -3.72 -1.47
CA ASN D 49 -18.82 -2.31 -1.59
C ASN D 49 -18.00 -2.05 -2.83
N PHE D 50 -18.37 -0.98 -3.53
CA PHE D 50 -17.58 -0.43 -4.61
C PHE D 50 -16.82 0.75 -4.00
N VAL D 51 -15.51 0.57 -3.83
CA VAL D 51 -14.68 1.46 -2.99
C VAL D 51 -13.77 2.35 -3.80
N VAL D 52 -13.64 3.60 -3.35
CA VAL D 52 -12.73 4.56 -3.93
C VAL D 52 -11.40 4.51 -3.18
N GLY D 53 -10.52 3.68 -3.69
CA GLY D 53 -9.22 3.47 -3.12
C GLY D 53 -9.20 2.25 -2.23
N GLN D 54 -8.12 2.12 -1.47
CA GLN D 54 -7.92 0.93 -0.67
C GLN D 54 -7.47 1.27 0.74
N ASP D 55 -7.47 2.55 1.09
CA ASP D 55 -7.01 2.94 2.43
C ASP D 55 -8.14 2.94 3.42
N PRO D 56 -7.82 2.85 4.72
CA PRO D 56 -8.87 3.04 5.70
C PRO D 56 -9.56 4.38 5.52
N GLY D 57 -10.87 4.39 5.67
CA GLY D 57 -11.65 5.63 5.53
C GLY D 57 -11.98 6.00 4.09
N SER D 58 -11.60 5.14 3.16
CA SER D 58 -11.95 5.34 1.76
C SER D 58 -13.47 5.47 1.57
N ASP D 59 -13.86 6.37 0.66
CA ASP D 59 -15.25 6.49 0.28
C ASP D 59 -15.77 5.19 -0.37
N VAL D 60 -17.05 4.91 -0.16
CA VAL D 60 -17.72 3.77 -0.77
C VAL D 60 -18.80 4.33 -1.68
N ALA D 61 -18.56 4.24 -2.98
CA ALA D 61 -19.52 4.74 -3.95
C ALA D 61 -20.86 4.03 -3.85
N PHE D 62 -20.82 2.73 -3.57
CA PHE D 62 -22.04 1.94 -3.50
C PHE D 62 -21.82 0.76 -2.56
N HIS D 63 -22.63 0.75 -1.52
CA HIS D 63 -22.73 -0.29 -0.51
C HIS D 63 -24.09 -0.97 -0.74
N PHE D 64 -24.02 -2.26 -1.10
CA PHE D 64 -25.17 -3.13 -1.30
C PHE D 64 -25.23 -4.12 -0.15
N ASN D 65 -26.31 -4.08 0.63
CA ASN D 65 -26.32 -4.68 1.96
C ASN D 65 -27.63 -5.40 2.30
N PRO D 66 -27.76 -6.67 1.87
CA PRO D 66 -28.91 -7.45 2.27
C PRO D 66 -28.89 -7.73 3.78
N ARG D 67 -30.07 -7.64 4.36
CA ARG D 67 -30.25 -7.79 5.81
C ARG D 67 -31.47 -8.62 6.13
N PHE D 68 -31.28 -9.61 6.99
CA PHE D 68 -32.42 -10.38 7.52
C PHE D 68 -32.91 -9.86 8.87
N ASP D 69 -32.18 -8.93 9.48
CA ASP D 69 -32.68 -8.34 10.72
C ASP D 69 -33.80 -7.34 10.45
N GLY D 70 -34.93 -7.52 11.12
CA GLY D 70 -36.08 -6.63 10.95
C GLY D 70 -36.94 -7.08 9.77
N TRP D 71 -37.50 -6.11 9.06
CA TRP D 71 -38.03 -6.36 7.73
C TRP D 71 -36.90 -6.90 6.90
N ASP D 72 -37.06 -8.10 6.32
CA ASP D 72 -36.02 -8.60 5.41
C ASP D 72 -35.93 -7.60 4.30
N LYS D 73 -34.72 -7.13 4.05
CA LYS D 73 -34.57 -6.03 3.13
C LYS D 73 -33.17 -5.96 2.58
N VAL D 74 -33.00 -5.10 1.59
CA VAL D 74 -31.69 -4.72 1.13
C VAL D 74 -31.53 -3.23 1.34
N VAL D 75 -30.41 -2.87 1.95
CA VAL D 75 -30.03 -1.48 2.14
C VAL D 75 -28.99 -1.10 1.11
N PHE D 76 -29.13 0.11 0.59
CA PHE D 76 -28.24 0.65 -0.44
C PHE D 76 -27.78 2.01 0.04
N ASN D 77 -26.49 2.27 0.01
CA ASN D 77 -25.99 3.57 0.48
C ASN D 77 -24.61 3.91 -0.06
N THR D 78 -24.17 5.10 0.28
CA THR D 78 -22.87 5.64 -0.10
C THR D 78 -22.19 6.22 1.16
N LEU D 79 -20.90 5.97 1.29
CA LEU D 79 -20.07 6.51 2.36
C LEU D 79 -19.16 7.55 1.74
N GLN D 80 -19.25 8.79 2.21
CA GLN D 80 -18.46 9.87 1.68
C GLN D 80 -17.89 10.70 2.82
N GLY D 81 -16.56 10.84 2.86
CA GLY D 81 -15.87 11.56 3.95
C GLY D 81 -16.21 11.00 5.32
N GLY D 82 -16.31 9.69 5.40
CA GLY D 82 -16.63 9.01 6.65
C GLY D 82 -18.07 9.08 7.10
N LYS D 83 -18.94 9.69 6.30
CA LYS D 83 -20.35 9.78 6.62
C LYS D 83 -21.21 8.95 5.68
N TRP D 84 -22.02 8.07 6.27
CA TRP D 84 -23.03 7.35 5.49
C TRP D 84 -24.14 8.32 5.06
N GLY D 85 -24.63 8.16 3.84
CA GLY D 85 -25.70 9.00 3.34
C GLY D 85 -27.07 8.53 3.78
N SER D 86 -28.08 9.06 3.12
CA SER D 86 -29.44 8.60 3.30
CA SER D 86 -29.44 8.61 3.32
C SER D 86 -29.65 7.26 2.62
N GLU D 87 -30.00 6.27 3.40
CA GLU D 87 -30.19 4.92 2.88
C GLU D 87 -31.35 4.85 1.92
N GLU D 88 -31.20 4.08 0.85
CA GLU D 88 -32.33 3.57 0.11
C GLU D 88 -32.56 2.17 0.59
N ARG D 89 -33.81 1.73 0.58
CA ARG D 89 -34.12 0.40 1.05
C ARG D 89 -35.16 -0.23 0.15
N LYS D 90 -34.96 -1.50 -0.15
CA LYS D 90 -36.00 -2.28 -0.78
C LYS D 90 -36.38 -3.39 0.18
N ARG D 91 -37.65 -3.39 0.58
CA ARG D 91 -38.14 -4.34 1.56
C ARG D 91 -38.52 -5.63 0.88
N SER D 92 -37.57 -6.19 0.15
CA SER D 92 -37.76 -7.48 -0.47
C SER D 92 -36.41 -8.18 -0.38
N MET D 93 -36.44 -9.49 -0.17
CA MET D 93 -35.21 -10.21 0.04
C MET D 93 -35.08 -11.27 -1.04
N PRO D 94 -34.13 -11.07 -1.96
CA PRO D 94 -33.95 -11.99 -3.08
C PRO D 94 -33.04 -13.18 -2.75
N PHE D 95 -32.35 -13.12 -1.62
CA PHE D 95 -31.50 -14.20 -1.16
C PHE D 95 -32.28 -15.12 -0.23
N LYS D 96 -31.72 -16.30 0.00
CA LYS D 96 -32.35 -17.32 0.83
C LYS D 96 -31.28 -17.97 1.65
N LYS D 97 -31.52 -18.09 2.95
CA LYS D 97 -30.54 -18.67 3.85
C LYS D 97 -30.19 -20.07 3.38
N GLY D 98 -28.89 -20.33 3.25
CA GLY D 98 -28.36 -21.63 2.84
C GLY D 98 -28.24 -21.82 1.34
N ALA D 99 -28.76 -20.88 0.57
CA ALA D 99 -28.91 -21.07 -0.88
C ALA D 99 -27.85 -20.34 -1.68
N ALA D 100 -27.37 -21.01 -2.73
CA ALA D 100 -26.49 -20.39 -3.71
C ALA D 100 -27.23 -19.26 -4.43
N PHE D 101 -26.49 -18.22 -4.78
CA PHE D 101 -27.06 -17.09 -5.54
C PHE D 101 -26.09 -16.65 -6.63
N GLU D 102 -26.63 -15.93 -7.60
CA GLU D 102 -25.86 -15.21 -8.59
C GLU D 102 -26.25 -13.76 -8.48
N LEU D 103 -25.26 -12.92 -8.27
CA LEU D 103 -25.49 -11.50 -8.02
C LEU D 103 -24.71 -10.72 -9.03
N VAL D 104 -25.41 -9.92 -9.83
CA VAL D 104 -24.80 -9.22 -10.94
C VAL D 104 -25.08 -7.73 -10.81
N PHE D 105 -24.02 -6.93 -10.93
CA PHE D 105 -24.14 -5.49 -10.99
C PHE D 105 -23.77 -5.04 -12.39
N ILE D 106 -24.74 -4.50 -13.12
CA ILE D 106 -24.46 -3.97 -14.45
C ILE D 106 -24.30 -2.46 -14.29
N VAL D 107 -23.11 -1.96 -14.61
CA VAL D 107 -22.78 -0.56 -14.39
C VAL D 107 -23.18 0.25 -15.61
N LEU D 108 -24.23 1.03 -15.44
CA LEU D 108 -24.75 1.85 -16.51
C LEU D 108 -24.42 3.30 -16.18
N ALA D 109 -24.54 4.18 -17.16
CA ALA D 109 -24.25 5.59 -16.93
C ALA D 109 -25.08 6.16 -15.79
N GLU D 110 -26.35 5.76 -15.71
CA GLU D 110 -27.28 6.35 -14.73
C GLU D 110 -27.25 5.72 -13.35
N HIS D 111 -26.97 4.42 -13.32
CA HIS D 111 -27.11 3.66 -12.08
C HIS D 111 -26.41 2.34 -12.16
N TYR D 112 -26.24 1.71 -11.01
CA TYR D 112 -25.90 0.30 -10.93
C TYR D 112 -27.21 -0.50 -11.02
N LYS D 113 -27.32 -1.36 -12.02
CA LYS D 113 -28.47 -2.25 -12.13
C LYS D 113 -28.15 -3.56 -11.48
N VAL D 114 -28.87 -3.86 -10.41
CA VAL D 114 -28.63 -5.06 -9.63
C VAL D 114 -29.60 -6.14 -10.08
N VAL D 115 -29.05 -7.31 -10.43
CA VAL D 115 -29.82 -8.44 -10.90
C VAL D 115 -29.44 -9.63 -10.02
N VAL D 116 -30.46 -10.25 -9.41
CA VAL D 116 -30.20 -11.36 -8.50
C VAL D 116 -30.89 -12.61 -9.02
N ASN D 117 -30.11 -13.66 -9.22
CA ASN D 117 -30.61 -14.92 -9.79
C ASN D 117 -31.37 -14.71 -11.09
N GLY D 118 -30.89 -13.75 -11.88
CA GLY D 118 -31.52 -13.46 -13.16
C GLY D 118 -32.65 -12.46 -13.12
N ASN D 119 -33.11 -12.09 -11.93
CA ASN D 119 -34.25 -11.18 -11.78
C ASN D 119 -33.77 -9.75 -11.48
N PRO D 120 -34.11 -8.77 -12.34
CA PRO D 120 -33.75 -7.38 -12.02
C PRO D 120 -34.33 -6.96 -10.65
N PHE D 121 -33.50 -6.39 -9.80
CA PHE D 121 -33.86 -6.16 -8.42
C PHE D 121 -33.89 -4.68 -8.03
N TYR D 122 -32.92 -3.91 -8.48
CA TYR D 122 -32.86 -2.50 -8.08
C TYR D 122 -31.94 -1.73 -9.01
N GLU D 123 -32.19 -0.43 -9.09
CA GLU D 123 -31.32 0.46 -9.83
C GLU D 123 -30.86 1.56 -8.87
N TYR D 124 -29.60 1.53 -8.46
CA TYR D 124 -29.05 2.51 -7.51
C TYR D 124 -28.36 3.62 -8.26
N GLY D 125 -28.95 4.80 -8.22
CA GLY D 125 -28.38 5.94 -8.95
C GLY D 125 -27.04 6.35 -8.39
N HIS D 126 -26.11 6.72 -9.28
CA HIS D 126 -24.77 7.12 -8.84
C HIS D 126 -24.82 8.36 -7.98
N ARG D 127 -24.08 8.29 -6.88
CA ARG D 127 -23.88 9.45 -5.99
C ARG D 127 -22.46 9.98 -6.08
N LEU D 128 -21.49 9.06 -6.10
CA LEU D 128 -20.10 9.39 -6.40
C LEU D 128 -19.81 8.96 -7.83
N PRO D 129 -19.04 9.75 -8.58
CA PRO D 129 -18.71 9.36 -9.97
C PRO D 129 -18.10 7.97 -10.01
N LEU D 130 -18.68 7.12 -10.86
CA LEU D 130 -18.39 5.69 -10.80
C LEU D 130 -16.93 5.40 -11.13
N GLN D 131 -16.30 6.27 -11.93
CA GLN D 131 -14.92 6.03 -12.34
C GLN D 131 -13.94 6.21 -11.20
N MET D 132 -14.40 6.79 -10.10
CA MET D 132 -13.56 6.89 -8.93
C MET D 132 -13.34 5.51 -8.29
N VAL D 133 -14.20 4.54 -8.60
CA VAL D 133 -14.15 3.25 -7.95
C VAL D 133 -12.96 2.43 -8.44
N THR D 134 -12.17 1.95 -7.51
CA THR D 134 -10.98 1.14 -7.82
C THR D 134 -11.01 -0.27 -7.28
N HIS D 135 -11.80 -0.53 -6.25
CA HIS D 135 -11.77 -1.80 -5.54
C HIS D 135 -13.16 -2.32 -5.25
N LEU D 136 -13.24 -3.64 -5.13
CA LEU D 136 -14.46 -4.30 -4.69
C LEU D 136 -14.18 -4.98 -3.35
N GLN D 137 -15.04 -4.71 -2.38
CA GLN D 137 -14.91 -5.26 -1.06
C GLN D 137 -16.18 -6.05 -0.70
N VAL D 138 -16.01 -7.31 -0.29
CA VAL D 138 -17.16 -8.17 0.02
C VAL D 138 -16.91 -8.87 1.34
N ASP D 139 -17.91 -8.88 2.21
CA ASP D 139 -17.80 -9.59 3.49
C ASP D 139 -19.16 -9.85 4.08
N GLY D 140 -19.19 -10.75 5.06
CA GLY D 140 -20.41 -11.01 5.81
C GLY D 140 -20.73 -12.46 5.87
N ASP D 141 -22.03 -12.76 6.00
CA ASP D 141 -22.48 -14.13 6.31
C ASP D 141 -22.77 -14.90 5.03
N LEU D 142 -21.72 -15.22 4.31
CA LEU D 142 -21.81 -15.95 3.05
C LEU D 142 -20.51 -16.68 2.78
N GLN D 143 -20.57 -17.61 1.83
CA GLN D 143 -19.39 -18.20 1.24
C GLN D 143 -19.31 -17.71 -0.18
N LEU D 144 -18.11 -17.33 -0.59
CA LEU D 144 -17.89 -16.81 -1.93
C LEU D 144 -17.35 -17.92 -2.82
N GLN D 145 -17.96 -18.11 -3.98
CA GLN D 145 -17.48 -19.09 -4.96
C GLN D 145 -16.66 -18.42 -6.05
N SER D 146 -17.09 -17.25 -6.53
CA SER D 146 -16.33 -16.54 -7.54
C SER D 146 -16.77 -15.09 -7.68
N ILE D 147 -15.83 -14.27 -8.11
CA ILE D 147 -16.10 -12.90 -8.49
C ILE D 147 -15.43 -12.60 -9.82
N ASN D 148 -16.19 -12.08 -10.77
CA ASN D 148 -15.67 -11.77 -12.09
C ASN D 148 -16.03 -10.37 -12.55
N PHE D 149 -15.09 -9.70 -13.21
CA PHE D 149 -15.30 -8.38 -13.73
C PHE D 149 -15.38 -8.48 -15.24
N ILE D 150 -16.49 -8.00 -15.79
CA ILE D 150 -16.76 -8.18 -17.21
C ILE D 150 -16.84 -6.86 -17.93
N GLY D 151 -16.36 -6.83 -19.16
CA GLY D 151 -16.71 -5.77 -20.10
C GLY D 151 -15.93 -4.51 -19.82
C2 BGC E . 3.59 -4.44 1.21
C3 BGC E . 5.10 -4.26 1.29
C4 BGC E . 5.70 -3.94 -0.08
C5 BGC E . 4.92 -2.80 -0.73
C6 BGC E . 5.43 -2.44 -2.12
C1 BGC E . 2.95 -3.26 0.47
O1 BGC E . 1.57 -3.58 0.32
O2 BGC E . 3.07 -4.53 2.54
O3 BGC E . 5.67 -5.43 1.84
O4 BGC E . 7.05 -3.57 0.16
O5 BGC E . 3.54 -3.15 -0.82
O6 BGC E . 5.38 -3.55 -3.01
C1 SGA E . 7.96 -4.22 -0.72
C2 SGA E . 9.33 -3.68 -0.36
C3 SGA E . 10.45 -4.42 -1.07
C4 SGA E . 10.26 -5.94 -0.96
C5 SGA E . 8.82 -6.33 -1.35
C6 SGA E . 8.52 -7.81 -1.19
O2 SGA E . 9.37 -2.30 -0.75
O3 SGA E . 11.67 -4.01 -0.47
O4 SGA E . 10.50 -6.31 0.40
O5 SGA E . 7.89 -5.63 -0.52
O6 SGA E . 7.14 -8.08 -1.53
S SGA E . 12.97 -3.94 -1.37
O1S SGA E . 13.19 -5.12 -2.21
O2S SGA E . 14.10 -3.74 -0.41
O3S SGA E . 12.77 -2.71 -2.11
C2 BGC F . -0.96 2.72 -1.68
C3 BGC F . -0.37 2.21 -3.01
C4 BGC F . 0.98 1.58 -2.74
C5 BGC F . 0.87 0.52 -1.63
C6 BGC F . 2.23 -0.10 -1.28
C1 BGC F . -0.99 1.59 -0.65
O1 BGC F . -1.47 2.14 0.57
O2 BGC F . -2.28 3.20 -1.92
O3 BGC F . -0.28 3.31 -3.93
O4 BGC F . 1.40 0.95 -3.94
O5 BGC F . 0.34 1.13 -0.47
O6 BGC F . 3.13 0.89 -0.75
C1 SGA F . 2.76 1.22 -4.22
C2 SGA F . 3.09 0.42 -5.45
C3 SGA F . 4.51 0.75 -5.91
C4 SGA F . 4.72 2.27 -6.00
C5 SGA F . 4.27 2.95 -4.71
C6 SGA F . 4.36 4.49 -4.72
O2 SGA F . 3.01 -0.97 -5.12
O3 SGA F . 4.69 0.11 -7.17
O4 SGA F . 4.01 2.79 -7.10
O5 SGA F . 2.91 2.63 -4.45
O6 SGA F . 3.90 4.97 -3.44
S SGA F . 6.17 -0.23 -7.61
O1S SGA F . 6.81 -1.12 -6.63
O2S SGA F . 7.04 0.95 -7.83
O3S SGA F . 5.91 -0.94 -8.88
C2 BGC G . -21.85 5.49 14.34
C3 BGC G . -20.86 6.24 13.42
C4 BGC G . -20.20 5.27 12.46
C5 BGC G . -21.31 4.46 11.76
C6 BGC G . -20.78 3.51 10.71
C1 BGC G . -22.79 4.59 13.55
O1 BGC G . -23.54 3.80 14.47
O2 BGC G . -22.61 6.48 15.02
O3 BGC G . -19.89 6.96 14.19
O4 BGC G . -19.43 6.02 11.54
O5 BGC G . -22.04 3.71 12.73
O6 BGC G . -19.86 2.58 11.25
C1 SGA G . -18.14 5.48 11.33
C2 SGA G . -17.46 6.32 10.25
C3 SGA G . -15.99 5.94 10.07
C4 SGA G . -15.27 5.90 11.42
C5 SGA G . -16.05 4.99 12.36
C6 SGA G . -15.42 4.92 13.74
O2 SGA G . -18.19 6.13 9.04
O3 SGA G . -15.41 6.91 9.24
O4 SGA G . -15.15 7.24 11.94
O5 SGA G . -17.39 5.48 12.52
O6 SGA G . -16.28 4.15 14.57
S SGA G . -14.18 6.55 8.31
O1S SGA G . -13.64 7.85 7.84
O2S SGA G . -13.19 5.68 8.99
O3S SGA G . -14.93 5.85 7.27
C2 BGC H . -29.43 2.90 10.29
C3 BGC H . -28.47 1.74 10.06
C4 BGC H . -27.03 2.21 9.97
C5 BGC H . -26.63 3.14 11.13
C6 BGC H . -25.27 3.79 10.94
C1 BGC H . -28.91 3.74 11.46
O1 BGC H . -29.73 4.89 11.62
O2 BGC H . -30.75 2.40 10.56
O3 BGC H . -28.87 0.98 8.88
O4 BGC H . -26.21 1.07 9.96
O5 BGC H . -27.60 4.19 11.16
O6 BGC H . -25.18 4.54 9.69
C1 SGA H . -25.19 1.16 9.01
C2 SGA H . -24.30 -0.04 9.18
C3 SGA H . -23.22 -0.07 8.14
C4 SGA H . -23.85 0.05 6.76
C5 SGA H . -24.70 1.31 6.74
C6 SGA H . -25.35 1.52 5.39
O2 SGA H . -23.69 -0.03 10.47
O3 SGA H . -22.56 -1.30 8.29
O4 SGA H . -24.65 -1.11 6.50
O5 SGA H . -25.76 1.17 7.70
O6 SGA H . -26.22 2.65 5.49
S SGA H . -21.05 -1.44 7.89
O1S SGA H . -20.29 -0.62 8.84
O2S SGA H . -20.72 -2.87 8.01
O3S SGA H . -20.74 -1.00 6.52
#